data_1N5Q
#
_entry.id   1N5Q
#
_cell.length_a   47.240
_cell.length_b   59.400
_cell.length_c   72.230
_cell.angle_alpha   90.00
_cell.angle_beta   90.00
_cell.angle_gamma   90.00
#
_symmetry.space_group_name_H-M   'P 21 21 21'
#
loop_
_entity.id
_entity.type
_entity.pdbx_description
1 polymer 'ActaVA-Orf6 monooxygenase'
2 non-polymer 'HEXAETHYLENE GLYCOL'
3 non-polymer '4-DIMETHYLAMINO-1,10,11,12-TETRAHYDROXY-3-OXO-3,4,4A,5-TETRAHYDRO-NAPHTHACENE-2-CARBOXYLIC ACID AMIDE'
4 water water
#
_entity_poly.entity_id   1
_entity_poly.type   'polypeptide(L)'
_entity_poly.pdbx_seq_one_letter_code
;AEVNDPRVGFVAVVTFPVDGPATQHKLVELATGGVQEWIREVPGFLSATYHASTDGTAVVNYAQWESEQAYRVNFGADPR
SAELREALSSLPGLMGPPKAVFMTPRGAILPS
;
_entity_poly.pdbx_strand_id   A,B
#
loop_
_chem_comp.id
_chem_comp.type
_chem_comp.name
_chem_comp.formula
P6G non-polymer 'HEXAETHYLENE GLYCOL' 'C12 H26 O7'
TNC non-polymer '4-DIMETHYLAMINO-1,10,11,12-TETRAHYDROXY-3-OXO-3,4,4A,5-TETRAHYDRO-NAPHTHACENE-2-CARBOXYLIC ACID AMIDE' 'C21 H20 N2 O6'
#
# COMPACT_ATOMS: atom_id res chain seq x y z
N ALA A 1 1.95 11.75 3.80
CA ALA A 1 1.36 12.66 2.77
C ALA A 1 0.08 12.11 2.15
N GLU A 2 -0.73 13.01 1.59
CA GLU A 2 -1.94 12.57 0.91
C GLU A 2 -1.49 11.51 -0.11
N VAL A 3 -2.33 10.52 -0.37
CA VAL A 3 -1.89 9.45 -1.25
C VAL A 3 -1.60 9.88 -2.67
N ASN A 4 -2.22 10.94 -3.16
CA ASN A 4 -2.03 11.44 -4.49
C ASN A 4 -1.25 12.75 -4.50
N ASP A 5 -0.55 13.07 -3.42
CA ASP A 5 0.36 14.23 -3.47
C ASP A 5 1.45 13.93 -4.50
N PRO A 6 1.68 14.85 -5.46
CA PRO A 6 2.68 14.68 -6.49
C PRO A 6 4.13 14.66 -6.03
N ARG A 7 4.46 15.04 -4.83
CA ARG A 7 5.73 14.95 -4.17
C ARG A 7 6.10 13.48 -3.87
N VAL A 8 5.09 12.60 -3.84
CA VAL A 8 5.43 11.18 -3.65
C VAL A 8 5.94 10.56 -4.95
N GLY A 9 7.23 10.38 -5.10
CA GLY A 9 7.82 9.88 -6.32
C GLY A 9 8.13 8.39 -6.25
N PHE A 10 8.17 7.82 -5.01
CA PHE A 10 8.61 6.44 -4.88
C PHE A 10 7.94 5.80 -3.64
N VAL A 11 7.44 4.59 -3.83
CA VAL A 11 6.78 3.89 -2.72
C VAL A 11 7.37 2.49 -2.52
N ALA A 12 7.51 2.06 -1.25
CA ALA A 12 7.92 0.69 -1.00
C ALA A 12 6.80 -0.01 -0.23
N VAL A 13 6.38 -1.22 -0.60
CA VAL A 13 5.35 -1.93 0.15
C VAL A 13 6.06 -3.18 0.70
N VAL A 14 6.19 -3.24 2.02
CA VAL A 14 6.98 -4.31 2.64
C VAL A 14 5.99 -5.19 3.43
N THR A 15 6.06 -6.49 3.16
CA THR A 15 5.15 -7.40 3.86
C THR A 15 5.91 -8.29 4.81
N PHE A 16 5.54 -8.27 6.11
CA PHE A 16 6.20 -9.12 7.10
C PHE A 16 5.30 -10.28 7.46
N PRO A 17 5.63 -11.51 7.12
CA PRO A 17 4.78 -12.65 7.50
C PRO A 17 4.94 -12.99 8.98
N VAL A 18 3.81 -13.20 9.65
CA VAL A 18 3.76 -13.39 11.13
C VAL A 18 2.83 -14.56 11.45
N ASP A 19 2.91 -14.97 12.75
CA ASP A 19 2.17 -16.21 13.10
C ASP A 19 0.77 -15.96 13.61
N GLY A 20 0.35 -14.73 13.75
CA GLY A 20 -1.05 -14.44 14.11
C GLY A 20 -1.15 -13.03 14.64
N PRO A 21 -2.35 -12.63 15.11
CA PRO A 21 -2.64 -11.31 15.56
C PRO A 21 -1.81 -10.81 16.73
N ALA A 22 -1.45 -11.75 17.64
CA ALA A 22 -0.64 -11.26 18.75
C ALA A 22 0.72 -10.75 18.23
N THR A 23 1.32 -11.53 17.33
CA THR A 23 2.60 -11.06 16.74
C THR A 23 2.38 -9.80 15.88
N GLN A 24 1.23 -9.79 15.14
CA GLN A 24 0.97 -8.52 14.45
C GLN A 24 1.04 -7.29 15.37
N HIS A 25 0.38 -7.37 16.51
CA HIS A 25 0.35 -6.24 17.47
C HIS A 25 1.75 -5.94 18.00
N LYS A 26 2.49 -6.99 18.35
CA LYS A 26 3.83 -6.79 18.86
C LYS A 26 4.80 -6.19 17.83
N LEU A 27 4.63 -6.62 16.56
CA LEU A 27 5.53 -6.04 15.54
C LEU A 27 5.24 -4.57 15.26
N VAL A 28 3.94 -4.20 15.20
CA VAL A 28 3.66 -2.77 15.01
C VAL A 28 4.14 -1.97 16.22
N GLU A 29 3.93 -2.55 17.40
CA GLU A 29 4.33 -1.86 18.65
C GLU A 29 5.85 -1.60 18.66
N LEU A 30 6.62 -2.55 18.15
CA LEU A 30 8.06 -2.43 18.04
C LEU A 30 8.38 -1.39 16.99
N ALA A 31 7.74 -1.47 15.80
CA ALA A 31 8.11 -0.57 14.75
C ALA A 31 7.80 0.90 15.08
N THR A 32 6.81 1.08 15.95
CA THR A 32 6.49 2.47 16.30
C THR A 32 6.92 2.79 17.72
N GLY A 33 7.81 1.99 18.28
CA GLY A 33 8.18 2.11 19.67
C GLY A 33 9.43 2.97 19.89
N GLY A 34 9.94 3.56 18.85
CA GLY A 34 11.03 4.51 18.94
C GLY A 34 12.32 4.03 18.27
N VAL A 35 12.35 2.76 17.86
CA VAL A 35 13.58 2.23 17.20
C VAL A 35 13.87 3.03 15.95
N GLN A 36 12.80 3.59 15.29
CA GLN A 36 13.07 4.34 14.08
C GLN A 36 12.77 5.82 14.18
N GLU A 37 12.92 6.42 15.37
CA GLU A 37 12.79 7.87 15.47
C GLU A 37 13.67 8.62 14.48
N TRP A 38 14.89 8.10 14.25
CA TRP A 38 15.82 8.74 13.32
C TRP A 38 15.29 8.94 11.92
N ILE A 39 14.45 8.02 11.43
CA ILE A 39 13.93 8.12 10.06
C ILE A 39 13.12 9.38 9.82
N ARG A 40 12.49 9.96 10.87
CA ARG A 40 11.62 11.09 10.67
C ARG A 40 12.35 12.31 10.10
N GLU A 41 13.62 12.46 10.40
CA GLU A 41 14.35 13.63 9.91
C GLU A 41 15.15 13.31 8.65
N VAL A 42 14.97 12.16 8.04
CA VAL A 42 15.74 11.83 6.83
C VAL A 42 15.14 12.58 5.66
N PRO A 43 15.93 13.32 4.88
CA PRO A 43 15.44 14.01 3.71
C PRO A 43 14.82 13.05 2.71
N GLY A 44 13.61 13.40 2.30
CA GLY A 44 12.88 12.65 1.29
C GLY A 44 11.98 11.58 1.93
N PHE A 45 12.08 11.41 3.23
CA PHE A 45 11.14 10.46 3.89
C PHE A 45 9.79 11.13 4.02
N LEU A 46 8.70 10.51 3.55
CA LEU A 46 7.37 11.12 3.70
C LEU A 46 6.52 10.38 4.71
N SER A 47 6.54 9.06 4.74
CA SER A 47 5.72 8.35 5.73
C SER A 47 5.95 6.84 5.65
N ALA A 48 5.62 6.21 6.77
CA ALA A 48 5.67 4.73 6.81
C ALA A 48 4.43 4.33 7.62
N THR A 49 3.48 3.66 6.96
CA THR A 49 2.21 3.29 7.60
C THR A 49 2.13 1.78 7.78
N TYR A 50 1.94 1.34 9.04
CA TYR A 50 1.94 -0.11 9.26
C TYR A 50 0.50 -0.58 9.49
N HIS A 51 0.20 -1.69 8.84
CA HIS A 51 -1.17 -2.21 8.93
C HIS A 51 -1.15 -3.69 9.28
N ALA A 52 -2.21 -4.14 9.94
CA ALA A 52 -2.36 -5.56 10.27
C ALA A 52 -3.30 -6.18 9.22
N SER A 53 -2.86 -7.21 8.51
CA SER A 53 -3.81 -7.88 7.59
C SER A 53 -4.96 -8.42 8.39
N THR A 54 -6.18 -8.40 7.82
CA THR A 54 -7.33 -8.89 8.57
C THR A 54 -7.30 -10.39 8.83
N ASP A 55 -6.53 -11.12 8.03
CA ASP A 55 -6.44 -12.57 8.22
C ASP A 55 -5.42 -12.92 9.28
N GLY A 56 -4.77 -11.97 9.93
CA GLY A 56 -3.84 -12.21 11.01
C GLY A 56 -2.43 -12.67 10.58
N THR A 57 -2.19 -12.79 9.26
CA THR A 57 -0.90 -13.36 8.86
C THR A 57 0.21 -12.43 8.38
N ALA A 58 -0.06 -11.11 8.38
CA ALA A 58 1.06 -10.24 7.89
C ALA A 58 0.86 -8.86 8.48
N VAL A 59 2.03 -8.19 8.53
CA VAL A 59 2.05 -6.75 8.83
C VAL A 59 2.55 -6.09 7.52
N VAL A 60 1.79 -5.08 7.05
CA VAL A 60 2.24 -4.48 5.77
C VAL A 60 2.62 -3.01 6.01
N ASN A 61 3.80 -2.63 5.52
CA ASN A 61 4.21 -1.23 5.57
C ASN A 61 4.06 -0.55 4.18
N TYR A 62 3.27 0.51 4.11
CA TYR A 62 3.19 1.33 2.88
C TYR A 62 4.05 2.58 3.16
N ALA A 63 5.15 2.71 2.45
CA ALA A 63 6.05 3.84 2.81
C ALA A 63 6.19 4.81 1.64
N GLN A 64 5.96 6.08 1.89
CA GLN A 64 6.11 7.09 0.83
C GLN A 64 7.41 7.85 0.88
N TRP A 65 8.03 8.04 -0.32
CA TRP A 65 9.36 8.63 -0.37
C TRP A 65 9.32 9.69 -1.47
N GLU A 66 10.12 10.76 -1.29
CA GLU A 66 10.07 11.78 -2.36
C GLU A 66 10.63 11.28 -3.68
N SER A 67 11.66 10.43 -3.63
CA SER A 67 12.23 9.81 -4.83
C SER A 67 12.94 8.53 -4.46
N GLU A 68 13.25 7.70 -5.48
CA GLU A 68 14.05 6.51 -5.32
C GLU A 68 15.47 6.85 -4.88
N GLN A 69 16.02 7.97 -5.42
CA GLN A 69 17.30 8.48 -4.99
C GLN A 69 17.27 8.79 -3.50
N ALA A 70 16.23 9.49 -2.99
CA ALA A 70 16.27 9.73 -1.50
C ALA A 70 16.22 8.43 -0.71
N TYR A 71 15.38 7.52 -1.16
CA TYR A 71 15.28 6.20 -0.49
C TYR A 71 16.62 5.49 -0.51
N ARG A 72 17.25 5.39 -1.71
CA ARG A 72 18.51 4.61 -1.71
C ARG A 72 19.66 5.23 -0.97
N VAL A 73 19.80 6.55 -1.18
CA VAL A 73 20.90 7.31 -0.62
C VAL A 73 20.72 7.69 0.81
N ASN A 74 19.52 8.18 1.20
CA ASN A 74 19.31 8.57 2.57
C ASN A 74 18.77 7.47 3.50
N PHE A 75 18.32 6.34 3.00
CA PHE A 75 17.82 5.26 3.82
C PHE A 75 18.67 4.01 3.63
N GLY A 76 18.59 3.43 2.44
CA GLY A 76 19.26 2.16 2.11
C GLY A 76 20.76 2.22 2.34
N ALA A 77 21.39 3.32 1.98
CA ALA A 77 22.81 3.56 2.15
C ALA A 77 23.19 3.99 3.54
N ASP A 78 22.23 4.24 4.44
CA ASP A 78 22.57 4.56 5.84
C ASP A 78 22.60 3.25 6.60
N PRO A 79 23.65 2.98 7.37
CA PRO A 79 23.81 1.78 8.15
C PRO A 79 22.70 1.54 9.16
N ARG A 80 22.02 2.58 9.63
CA ARG A 80 20.88 2.47 10.52
C ARG A 80 19.72 1.72 9.86
N SER A 81 19.61 1.71 8.54
CA SER A 81 18.54 0.91 7.90
C SER A 81 18.73 -0.56 8.28
N ALA A 82 19.98 -1.02 8.24
CA ALA A 82 20.32 -2.40 8.56
C ALA A 82 20.06 -2.69 10.03
N GLU A 83 20.35 -1.69 10.91
CA GLU A 83 20.05 -1.92 12.33
C GLU A 83 18.53 -2.07 12.52
N LEU A 84 17.77 -1.25 11.80
CA LEU A 84 16.31 -1.34 11.92
C LEU A 84 15.77 -2.67 11.46
N ARG A 85 16.29 -3.15 10.30
CA ARG A 85 15.90 -4.46 9.78
C ARG A 85 16.19 -5.53 10.84
N GLU A 86 17.39 -5.42 11.43
CA GLU A 86 17.78 -6.45 12.42
C GLU A 86 16.84 -6.40 13.63
N ALA A 87 16.47 -5.19 14.06
CA ALA A 87 15.53 -5.11 15.20
C ALA A 87 14.18 -5.75 14.89
N LEU A 88 13.65 -5.45 13.67
CA LEU A 88 12.37 -6.04 13.32
C LEU A 88 12.50 -7.55 13.06
N SER A 89 13.69 -8.09 12.77
CA SER A 89 13.64 -9.54 12.51
C SER A 89 13.89 -10.37 13.76
N SER A 90 14.23 -9.71 14.87
CA SER A 90 14.56 -10.40 16.08
C SER A 90 13.36 -10.72 16.96
N LEU A 91 12.18 -10.31 16.56
CA LEU A 91 10.96 -10.58 17.36
C LEU A 91 10.45 -11.97 17.20
N PRO A 92 10.08 -12.69 18.26
CA PRO A 92 9.45 -13.99 18.13
C PRO A 92 8.12 -13.90 17.35
N GLY A 93 7.81 -14.84 16.47
CA GLY A 93 6.52 -14.83 15.78
C GLY A 93 6.63 -14.43 14.31
N LEU A 94 7.79 -13.88 13.93
CA LEU A 94 8.00 -13.62 12.49
C LEU A 94 8.13 -14.96 11.80
N MET A 95 7.57 -15.15 10.61
CA MET A 95 7.61 -16.45 9.95
C MET A 95 8.46 -16.49 8.68
N GLY A 96 9.28 -15.47 8.43
CA GLY A 96 10.09 -15.45 7.22
C GLY A 96 10.60 -14.01 7.07
N PRO A 97 11.51 -13.84 6.11
CA PRO A 97 12.07 -12.52 5.87
C PRO A 97 11.00 -11.66 5.22
N PRO A 98 11.11 -10.36 5.44
CA PRO A 98 10.16 -9.43 4.83
C PRO A 98 10.25 -9.44 3.30
N LYS A 99 9.13 -9.16 2.66
CA LYS A 99 9.11 -9.10 1.18
C LYS A 99 8.85 -7.66 0.76
N ALA A 100 9.57 -7.16 -0.25
CA ALA A 100 9.38 -5.76 -0.65
C ALA A 100 8.89 -5.67 -2.06
N VAL A 101 8.08 -4.67 -2.34
CA VAL A 101 7.71 -4.34 -3.72
C VAL A 101 7.92 -2.82 -3.87
N PHE A 102 8.70 -2.47 -4.88
CA PHE A 102 9.03 -1.05 -5.16
C PHE A 102 8.23 -0.56 -6.37
N MET A 103 7.71 0.66 -6.22
CA MET A 103 6.70 1.06 -7.24
C MET A 103 6.57 2.57 -7.28
N THR A 104 5.93 3.08 -8.34
CA THR A 104 5.74 4.52 -8.56
C THR A 104 4.26 4.82 -8.69
N PRO A 105 3.68 5.82 -8.03
CA PRO A 105 2.30 6.16 -8.15
C PRO A 105 2.02 6.63 -9.58
N ARG A 106 1.01 6.10 -10.21
CA ARG A 106 0.76 6.47 -11.61
C ARG A 106 -0.63 6.98 -11.88
N GLY A 107 -1.61 6.74 -11.02
CA GLY A 107 -2.97 7.26 -11.25
C GLY A 107 -3.75 7.19 -9.93
N ALA A 108 -4.76 8.04 -9.77
CA ALA A 108 -5.51 7.97 -8.50
C ALA A 108 -6.96 8.36 -8.71
N ILE A 109 -7.79 7.83 -7.84
CA ILE A 109 -9.21 8.16 -7.80
C ILE A 109 -9.49 8.82 -6.44
N LEU A 110 -9.85 10.11 -6.38
CA LEU A 110 -10.20 10.63 -5.03
C LEU A 110 -11.67 11.01 -4.98
N PRO A 111 -12.23 11.15 -3.79
CA PRO A 111 -13.65 11.36 -3.64
C PRO A 111 -14.09 12.70 -4.18
N SER A 112 -15.39 12.67 -4.35
CA SER A 112 -16.27 13.73 -4.70
C SER A 112 -17.46 13.06 -5.41
N ALA B 1 -6.80 10.31 1.09
CA ALA B 1 -6.63 10.88 2.44
C ALA B 1 -5.19 10.84 2.94
N GLU B 2 -4.82 11.69 3.92
CA GLU B 2 -3.46 11.55 4.46
C GLU B 2 -3.35 10.10 4.92
N VAL B 3 -2.14 9.50 4.88
CA VAL B 3 -2.05 8.08 5.21
C VAL B 3 -2.51 7.73 6.61
N ASN B 4 -2.31 8.68 7.53
CA ASN B 4 -2.69 8.42 8.92
C ASN B 4 -3.96 9.18 9.32
N ASP B 5 -4.78 9.53 8.37
CA ASP B 5 -6.09 10.15 8.70
C ASP B 5 -6.87 9.09 9.46
N PRO B 6 -7.45 9.48 10.60
CA PRO B 6 -8.28 8.63 11.43
C PRO B 6 -9.53 8.07 10.81
N ARG B 7 -10.01 8.62 9.71
CA ARG B 7 -11.18 8.17 8.98
C ARG B 7 -10.88 6.90 8.16
N VAL B 8 -9.60 6.63 7.89
CA VAL B 8 -9.22 5.44 7.17
C VAL B 8 -9.28 4.23 8.10
N GLY B 9 -10.32 3.44 8.08
CA GLY B 9 -10.61 2.29 8.88
C GLY B 9 -10.32 0.96 8.22
N PHE B 10 -10.06 1.02 6.90
CA PHE B 10 -9.82 -0.24 6.17
C PHE B 10 -9.12 0.07 4.87
N VAL B 11 -8.14 -0.83 4.54
CA VAL B 11 -7.30 -0.65 3.37
C VAL B 11 -7.28 -1.94 2.52
N ALA B 12 -7.41 -1.77 1.19
CA ALA B 12 -7.25 -3.03 0.35
C ALA B 12 -6.02 -2.76 -0.48
N VAL B 13 -5.13 -3.74 -0.64
CA VAL B 13 -3.95 -3.62 -1.50
C VAL B 13 -4.09 -4.75 -2.54
N VAL B 14 -4.31 -4.34 -3.79
CA VAL B 14 -4.65 -5.32 -4.85
C VAL B 14 -3.50 -5.30 -5.85
N THR B 15 -2.97 -6.50 -6.11
CA THR B 15 -1.81 -6.62 -6.99
C THR B 15 -2.19 -7.38 -8.30
N PHE B 16 -1.88 -6.74 -9.39
CA PHE B 16 -2.19 -7.32 -10.72
C PHE B 16 -0.89 -7.67 -11.41
N PRO B 17 -0.65 -8.95 -11.68
CA PRO B 17 0.60 -9.37 -12.34
C PRO B 17 0.50 -9.11 -13.83
N VAL B 18 1.43 -8.40 -14.44
CA VAL B 18 1.34 -8.03 -15.86
C VAL B 18 2.62 -8.47 -16.59
N ASP B 19 2.49 -8.44 -17.94
CA ASP B 19 3.66 -8.91 -18.73
C ASP B 19 4.66 -7.82 -19.02
N GLY B 20 4.42 -6.57 -18.68
CA GLY B 20 5.31 -5.46 -18.89
C GLY B 20 4.79 -4.06 -18.80
N PRO B 21 5.62 -3.07 -19.04
CA PRO B 21 5.27 -1.65 -18.89
C PRO B 21 4.14 -1.22 -19.81
N ALA B 22 4.10 -1.76 -21.04
CA ALA B 22 2.93 -1.38 -21.88
C ALA B 22 1.64 -1.82 -21.23
N THR B 23 1.52 -3.01 -20.69
CA THR B 23 0.33 -3.47 -20.00
C THR B 23 0.13 -2.65 -18.71
N GLN B 24 1.19 -2.37 -17.94
CA GLN B 24 1.00 -1.54 -16.75
C GLN B 24 0.31 -0.22 -17.13
N HIS B 25 0.83 0.49 -18.13
CA HIS B 25 0.17 1.74 -18.56
C HIS B 25 -1.27 1.50 -18.96
N LYS B 26 -1.60 0.46 -19.75
CA LYS B 26 -3.00 0.25 -20.11
C LYS B 26 -3.93 0.01 -18.91
N LEU B 27 -3.48 -0.86 -17.99
CA LEU B 27 -4.22 -1.20 -16.82
C LEU B 27 -4.54 0.04 -15.97
N VAL B 28 -3.55 0.87 -15.77
CA VAL B 28 -3.72 2.09 -15.00
C VAL B 28 -4.73 2.98 -15.73
N GLU B 29 -4.48 3.18 -17.04
CA GLU B 29 -5.41 4.06 -17.77
C GLU B 29 -6.83 3.56 -17.70
N LEU B 30 -7.08 2.27 -17.85
CA LEU B 30 -8.41 1.69 -17.76
C LEU B 30 -9.01 1.77 -16.36
N ALA B 31 -8.14 1.59 -15.34
CA ALA B 31 -8.65 1.65 -13.99
C ALA B 31 -8.95 3.07 -13.53
N THR B 32 -8.27 4.07 -14.08
CA THR B 32 -8.46 5.45 -13.64
C THR B 32 -9.11 6.25 -14.76
N GLY B 33 -9.74 5.51 -15.66
CA GLY B 33 -10.48 5.76 -16.82
C GLY B 33 -11.41 6.93 -17.02
N GLY B 34 -12.41 7.08 -16.16
CA GLY B 34 -13.37 8.20 -16.34
C GLY B 34 -14.74 7.56 -16.13
N VAL B 35 -14.82 6.30 -16.62
CA VAL B 35 -16.04 5.51 -16.45
C VAL B 35 -16.00 4.87 -15.06
N GLN B 36 -14.88 5.03 -14.35
CA GLN B 36 -14.76 4.59 -12.97
C GLN B 36 -15.08 5.74 -12.03
N GLU B 37 -15.58 6.85 -12.59
CA GLU B 37 -16.00 8.00 -11.82
C GLU B 37 -17.03 7.63 -10.75
N TRP B 38 -17.89 6.65 -10.94
CA TRP B 38 -18.86 6.28 -9.90
C TRP B 38 -18.22 5.92 -8.58
N ILE B 39 -17.00 5.39 -8.56
CA ILE B 39 -16.34 4.95 -7.33
C ILE B 39 -16.17 6.14 -6.38
N ARG B 40 -15.90 7.32 -6.98
CA ARG B 40 -15.69 8.52 -6.19
C ARG B 40 -16.84 8.88 -5.27
N GLU B 41 -18.06 8.54 -5.65
CA GLU B 41 -19.29 8.85 -4.97
C GLU B 41 -19.82 7.68 -4.14
N VAL B 42 -19.02 6.57 -4.01
CA VAL B 42 -19.54 5.47 -3.17
C VAL B 42 -19.40 5.89 -1.72
N PRO B 43 -20.42 5.76 -0.88
CA PRO B 43 -20.32 6.14 0.50
C PRO B 43 -19.19 5.29 1.16
N GLY B 44 -18.34 5.96 1.89
CA GLY B 44 -17.25 5.29 2.60
C GLY B 44 -15.98 5.24 1.78
N PHE B 45 -16.00 5.55 0.50
CA PHE B 45 -14.76 5.52 -0.30
C PHE B 45 -13.88 6.72 0.04
N LEU B 46 -12.57 6.47 0.25
CA LEU B 46 -11.68 7.59 0.52
C LEU B 46 -10.66 7.76 -0.57
N SER B 47 -10.07 6.73 -1.17
CA SER B 47 -9.06 6.92 -2.21
C SER B 47 -8.62 5.58 -2.81
N ALA B 48 -8.17 5.67 -4.07
CA ALA B 48 -7.58 4.47 -4.72
C ALA B 48 -6.38 4.98 -5.48
N THR B 49 -5.16 4.51 -5.19
CA THR B 49 -3.98 5.02 -5.88
C THR B 49 -3.34 3.88 -6.63
N TYR B 50 -3.20 3.98 -7.97
CA TYR B 50 -2.57 2.88 -8.71
C TYR B 50 -1.10 3.16 -8.93
N HIS B 51 -0.25 2.13 -8.76
CA HIS B 51 1.16 2.29 -8.88
C HIS B 51 1.70 1.26 -9.90
N ALA B 52 2.77 1.63 -10.59
CA ALA B 52 3.42 0.63 -11.43
C ALA B 52 4.70 0.17 -10.72
N SER B 53 4.88 -1.17 -10.60
CA SER B 53 6.13 -1.60 -9.96
C SER B 53 7.29 -1.11 -10.85
N THR B 54 8.43 -0.88 -10.27
CA THR B 54 9.62 -0.38 -10.98
C THR B 54 10.14 -1.40 -11.99
N ASP B 55 9.90 -2.70 -11.78
CA ASP B 55 10.37 -3.71 -12.74
C ASP B 55 9.43 -3.97 -13.90
N GLY B 56 8.34 -3.26 -14.04
CA GLY B 56 7.38 -3.41 -15.12
C GLY B 56 6.43 -4.59 -14.95
N THR B 57 6.50 -5.40 -13.92
CA THR B 57 5.70 -6.62 -13.85
C THR B 57 4.41 -6.64 -13.03
N ALA B 58 4.11 -5.52 -12.39
CA ALA B 58 2.89 -5.49 -11.57
C ALA B 58 2.31 -4.09 -11.45
N VAL B 59 0.99 -4.04 -11.22
CA VAL B 59 0.28 -2.79 -10.95
C VAL B 59 -0.32 -3.06 -9.56
N VAL B 60 -0.15 -2.05 -8.67
CA VAL B 60 -0.65 -2.23 -7.31
C VAL B 60 -1.61 -1.09 -6.98
N ASN B 61 -2.80 -1.42 -6.47
CA ASN B 61 -3.78 -0.41 -6.02
C ASN B 61 -3.80 -0.41 -4.48
N TYR B 62 -3.49 0.74 -3.88
CA TYR B 62 -3.63 0.96 -2.43
C TYR B 62 -4.93 1.74 -2.26
N ALA B 63 -5.94 1.16 -1.63
CA ALA B 63 -7.24 1.87 -1.57
C ALA B 63 -7.64 2.08 -0.11
N GLN B 64 -8.10 3.30 0.19
CA GLN B 64 -8.51 3.65 1.54
C GLN B 64 -10.03 3.72 1.64
N TRP B 65 -10.61 3.10 2.64
CA TRP B 65 -12.04 3.04 2.89
C TRP B 65 -12.29 3.46 4.32
N GLU B 66 -13.56 3.88 4.57
CA GLU B 66 -13.85 4.24 5.97
C GLU B 66 -13.97 3.02 6.83
N SER B 67 -14.47 1.93 6.27
CA SER B 67 -14.63 0.70 7.01
C SER B 67 -14.69 -0.48 6.07
N GLU B 68 -14.48 -1.66 6.67
CA GLU B 68 -14.66 -2.90 5.90
C GLU B 68 -16.10 -3.04 5.49
N GLN B 69 -17.00 -2.66 6.44
CA GLN B 69 -18.42 -2.76 6.08
C GLN B 69 -18.72 -1.85 4.90
N ALA B 70 -18.19 -0.61 4.80
CA ALA B 70 -18.48 0.23 3.66
C ALA B 70 -18.00 -0.38 2.37
N TYR B 71 -16.78 -0.96 2.35
CA TYR B 71 -16.21 -1.61 1.21
C TYR B 71 -17.07 -2.81 0.79
N ARG B 72 -17.47 -3.61 1.80
CA ARG B 72 -18.21 -4.80 1.38
C ARG B 72 -19.66 -4.43 1.01
N VAL B 73 -20.34 -3.65 1.83
CA VAL B 73 -21.80 -3.46 1.53
C VAL B 73 -22.09 -2.34 0.54
N ASN B 74 -21.17 -1.41 0.28
CA ASN B 74 -21.45 -0.33 -0.68
C ASN B 74 -20.77 -0.43 -2.02
N PHE B 75 -19.53 -0.94 -2.04
CA PHE B 75 -18.79 -1.20 -3.25
C PHE B 75 -19.02 -2.65 -3.69
N GLY B 76 -18.76 -3.62 -2.82
CA GLY B 76 -18.94 -5.03 -3.19
C GLY B 76 -20.37 -5.41 -3.62
N ALA B 77 -21.38 -4.88 -2.98
CA ALA B 77 -22.77 -5.18 -3.31
C ALA B 77 -23.16 -4.55 -4.63
N ASP B 78 -22.52 -3.44 -5.02
CA ASP B 78 -22.83 -2.78 -6.27
C ASP B 78 -22.47 -3.60 -7.48
N PRO B 79 -23.40 -3.77 -8.42
CA PRO B 79 -23.16 -4.48 -9.65
C PRO B 79 -21.97 -3.99 -10.45
N ARG B 80 -21.64 -2.69 -10.31
CA ARG B 80 -20.52 -2.11 -11.06
C ARG B 80 -19.20 -2.64 -10.56
N SER B 81 -19.12 -3.09 -9.27
CA SER B 81 -17.81 -3.67 -8.85
C SER B 81 -17.56 -4.97 -9.59
N ALA B 82 -18.61 -5.77 -9.80
CA ALA B 82 -18.46 -7.01 -10.58
C ALA B 82 -18.09 -6.71 -12.01
N GLU B 83 -18.71 -5.63 -12.58
CA GLU B 83 -18.33 -5.23 -13.93
C GLU B 83 -16.87 -4.83 -14.06
N LEU B 84 -16.39 -4.04 -13.11
CA LEU B 84 -15.03 -3.52 -13.12
C LEU B 84 -14.03 -4.66 -12.93
N ARG B 85 -14.35 -5.57 -12.01
CA ARG B 85 -13.53 -6.76 -11.80
C ARG B 85 -13.39 -7.59 -13.06
N GLU B 86 -14.47 -7.80 -13.78
CA GLU B 86 -14.43 -8.53 -15.04
C GLU B 86 -13.52 -7.82 -16.04
N ALA B 87 -13.78 -6.54 -16.26
CA ALA B 87 -12.96 -5.74 -17.16
C ALA B 87 -11.47 -5.77 -16.81
N LEU B 88 -11.08 -5.46 -15.58
CA LEU B 88 -9.65 -5.38 -15.28
C LEU B 88 -8.97 -6.74 -15.38
N SER B 89 -9.62 -7.75 -14.79
CA SER B 89 -9.08 -9.10 -14.78
C SER B 89 -9.21 -9.87 -16.08
N SER B 90 -9.48 -9.22 -17.20
CA SER B 90 -9.58 -9.83 -18.52
C SER B 90 -8.87 -8.99 -19.58
N LEU B 91 -8.15 -7.97 -19.12
CA LEU B 91 -7.35 -7.14 -20.02
C LEU B 91 -6.21 -8.01 -20.52
N PRO B 92 -5.91 -7.96 -21.81
CA PRO B 92 -4.82 -8.72 -22.39
C PRO B 92 -3.47 -8.28 -21.84
N GLY B 93 -2.65 -9.21 -21.38
CA GLY B 93 -1.33 -8.82 -20.84
C GLY B 93 -1.23 -9.17 -19.36
N LEU B 94 -2.35 -9.53 -18.76
CA LEU B 94 -2.39 -9.96 -17.38
C LEU B 94 -1.80 -11.36 -17.30
N MET B 95 -0.98 -11.63 -16.30
CA MET B 95 -0.32 -12.93 -16.21
C MET B 95 -0.92 -13.81 -15.14
N GLY B 96 -2.09 -13.41 -14.63
CA GLY B 96 -2.71 -14.17 -13.54
C GLY B 96 -3.80 -13.26 -12.95
N PRO B 97 -4.60 -13.83 -12.08
CA PRO B 97 -5.65 -13.10 -11.42
C PRO B 97 -5.07 -12.14 -10.37
N PRO B 98 -5.75 -11.04 -10.18
CA PRO B 98 -5.36 -10.04 -9.18
C PRO B 98 -5.38 -10.72 -7.83
N LYS B 99 -4.52 -10.29 -6.90
CA LYS B 99 -4.48 -10.85 -5.57
C LYS B 99 -4.70 -9.65 -4.62
N ALA B 100 -5.66 -9.79 -3.73
CA ALA B 100 -5.94 -8.67 -2.83
C ALA B 100 -5.53 -9.07 -1.43
N VAL B 101 -5.03 -8.07 -0.69
CA VAL B 101 -4.72 -8.23 0.72
C VAL B 101 -5.54 -7.16 1.48
N PHE B 102 -6.33 -7.61 2.45
CA PHE B 102 -7.16 -6.61 3.19
C PHE B 102 -6.45 -6.31 4.52
N MET B 103 -6.57 -5.08 5.02
CA MET B 103 -5.81 -4.77 6.26
C MET B 103 -6.31 -3.53 6.96
N THR B 104 -5.95 -3.39 8.23
CA THR B 104 -6.35 -2.17 8.99
C THR B 104 -5.11 -1.37 9.34
N PRO B 105 -5.06 -0.02 9.25
CA PRO B 105 -3.92 0.74 9.65
C PRO B 105 -3.82 0.63 11.17
N ARG B 106 -2.61 0.42 11.66
CA ARG B 106 -2.40 0.34 13.11
C ARG B 106 -1.36 1.31 13.64
N GLY B 107 -0.55 1.92 12.80
CA GLY B 107 0.47 2.86 13.34
C GLY B 107 1.20 3.49 12.19
N ALA B 108 1.76 4.69 12.43
CA ALA B 108 2.44 5.31 11.29
C ALA B 108 3.60 6.17 11.79
N ILE B 109 4.64 6.23 10.98
CA ILE B 109 5.79 7.08 11.32
C ILE B 109 5.83 8.20 10.29
N LEU B 110 5.72 9.43 10.83
CA LEU B 110 5.67 10.59 9.93
C LEU B 110 6.70 11.65 10.36
N PRO B 111 7.10 12.50 9.44
CA PRO B 111 7.97 13.60 9.77
C PRO B 111 7.22 14.67 10.53
N SER B 112 7.94 15.42 11.36
CA SER B 112 7.30 16.46 12.17
C SER B 112 7.39 17.81 11.43
O1 P6G C . 12.14 -2.83 7.55
C2 P6G C . 12.85 -4.07 7.46
C3 P6G C . 12.55 -4.85 6.20
O4 P6G C . 13.01 -4.23 4.96
C5 P6G C . 12.74 -5.18 3.90
C6 P6G C . 13.47 -4.85 2.62
O7 P6G C . 13.96 -3.51 2.70
C8 P6G C . 12.81 -2.60 2.61
C9 P6G C . 12.77 -1.48 3.66
O10 P6G C . 12.32 -0.23 3.04
C11 P6G C . 10.92 -0.05 2.91
C12 P6G C . 10.36 1.02 3.86
O13 P6G C . 10.56 2.33 3.30
C14 P6G C . 10.93 3.25 4.37
C15 P6G C . 10.47 2.67 5.72
O16 P6G C . 11.44 1.71 6.27
C17 P6G C . 11.07 1.61 7.71
C18 P6G C . 9.61 2.07 7.78
O19 P6G C . 9.16 2.62 8.99
C2 TNC D . -10.83 -1.33 -6.73
C1 TNC D . -10.99 0.01 -7.03
C6 TNC D . -11.07 0.96 -6.02
C5 TNC D . -10.97 0.62 -4.69
C4 TNC D . -10.79 -0.73 -4.39
C3 TNC D . -10.71 -1.68 -5.40
O1 TNC D . -10.67 -1.12 -3.08
C8 TNC D . -10.59 -3.65 -7.40
C7 TNC D . -10.58 -2.29 -7.72
C10 TNC D . -10.53 -3.03 -5.11
C9 TNC D . -10.49 -4.02 -6.06
O2 TNC D . -10.42 -3.32 -3.77
C12 TNC D . -10.36 -5.93 -8.04
C11 TNC D . -10.10 -4.59 -8.31
C14 TNC D . -10.30 -5.35 -5.74
C13 TNC D . -10.26 -6.35 -6.71
O3 TNC D . -10.20 -5.73 -4.40
C15 TNC D . -10.19 -6.89 -9.01
C16 TNC D . -10.25 -8.26 -8.74
C17 TNC D . -10.19 -8.65 -7.43
C18 TNC D . -10.20 -7.70 -6.43
O4 TNC D . -10.13 -8.23 -5.14
C19 TNC D . -10.14 -10.08 -7.15
O5 TNC D . -10.26 -9.15 -9.79
N2 TNC D . -10.61 -10.89 -8.12
O6 TNC D . -9.74 -10.62 -6.12
N1 TNC D . -10.47 -6.60 -10.38
C20 TNC D . -9.86 -7.62 -11.21
C21 TNC D . -9.87 -5.31 -10.65
#